data_4PSB
#
_entry.id   4PSB
#
_cell.length_a   34.380
_cell.length_b   54.290
_cell.length_c   71.090
_cell.angle_alpha   90.00
_cell.angle_beta   98.70
_cell.angle_gamma   90.00
#
_symmetry.space_group_name_H-M   'C 1 2 1'
#
loop_
_entity.id
_entity.type
_entity.pdbx_description
1 polymer 'Cytokinin-specific binding protein'
2 non-polymer 'GIBBERELLIN A3'
3 water water
#
_entity_poly.entity_id   1
_entity_poly.type   'polypeptide(L)'
_entity_poly.pdbx_seq_one_letter_code
;MVKEFNTQTELSVRLEALWAVLSKDFITVVPKVLPHIVKDVQLIEGDGGVGTILIFNFLPEVSPSYQREEITEFDESSHE
IGLQVIEGGYLSQGLSYYKTTFKLSEIEEDKTLVNVKISYDHDSDIEEKVTPTKTSQSTLMYLRRLERYLSNGSA
;
_entity_poly.pdbx_strand_id   A
#
# COMPACT_ATOMS: atom_id res chain seq x y z
N MET A 1 1.85 19.62 -9.34
CA MET A 1 1.03 19.54 -8.09
C MET A 1 0.50 18.13 -7.83
N VAL A 2 0.34 17.81 -6.55
CA VAL A 2 -0.10 16.50 -6.15
C VAL A 2 -1.60 16.45 -6.42
N LYS A 3 -1.99 15.36 -7.08
CA LYS A 3 -3.37 15.02 -7.37
C LYS A 3 -3.81 13.86 -6.49
N GLU A 4 -5.11 13.71 -6.28
CA GLU A 4 -5.71 12.62 -5.53
C GLU A 4 -6.68 11.83 -6.38
N PHE A 5 -6.52 10.53 -6.40
CA PHE A 5 -7.32 9.57 -7.10
C PHE A 5 -7.95 8.66 -6.04
N ASN A 6 -9.25 8.53 -6.07
CA ASN A 6 -9.98 7.73 -5.12
C ASN A 6 -10.66 6.54 -5.75
N THR A 7 -10.59 5.40 -5.08
CA THR A 7 -11.32 4.27 -5.44
C THR A 7 -11.70 3.47 -4.23
N GLN A 8 -12.37 2.37 -4.45
CA GLN A 8 -12.74 1.59 -3.28
C GLN A 8 -13.01 0.14 -3.63
N THR A 9 -13.07 -0.67 -2.58
CA THR A 9 -13.47 -2.06 -2.71
C THR A 9 -14.12 -2.46 -1.40
N GLU A 10 -14.97 -3.46 -1.47
CA GLU A 10 -15.56 -4.00 -0.27
C GLU A 10 -15.15 -5.47 -0.17
N LEU A 11 -14.67 -5.84 1.02
CA LEU A 11 -14.07 -7.13 1.27
C LEU A 11 -14.89 -7.91 2.28
N SER A 12 -14.99 -9.21 2.09
CA SER A 12 -15.70 -10.06 3.05
C SER A 12 -14.77 -10.42 4.18
N VAL A 13 -14.43 -9.42 4.97
CA VAL A 13 -13.56 -9.55 6.11
C VAL A 13 -14.04 -8.68 7.26
N ARG A 14 -13.62 -8.96 8.49
CA ARG A 14 -13.98 -8.17 9.67
C ARG A 14 -13.09 -6.93 9.81
N LEU A 15 -13.67 -5.81 10.25
CA LEU A 15 -12.97 -4.54 10.15
C LEU A 15 -11.66 -4.58 10.94
N GLU A 16 -11.68 -5.10 12.17
CA GLU A 16 -10.49 -5.00 13.00
C GLU A 16 -9.45 -6.04 12.58
N ALA A 17 -9.87 -7.10 11.90
CA ALA A 17 -8.89 -8.06 11.38
C ALA A 17 -8.19 -7.37 10.23
N LEU A 18 -8.96 -6.73 9.37
CA LEU A 18 -8.34 -6.04 8.24
C LEU A 18 -7.47 -4.86 8.68
N TRP A 19 -7.91 -4.12 9.67
CA TRP A 19 -7.11 -3.02 10.20
C TRP A 19 -5.78 -3.47 10.79
N ALA A 20 -5.80 -4.63 11.44
CA ALA A 20 -4.57 -5.18 11.99
C ALA A 20 -3.58 -5.43 10.87
N VAL A 21 -3.97 -6.14 9.85
CA VAL A 21 -3.08 -6.40 8.78
C VAL A 21 -2.66 -5.15 8.04
N LEU A 22 -3.55 -4.26 7.67
CA LEU A 22 -3.14 -3.12 6.87
C LEU A 22 -2.26 -2.16 7.59
N SER A 23 -2.36 -2.14 8.93
CA SER A 23 -1.77 -1.05 9.69
C SER A 23 -0.58 -1.50 10.47
N LYS A 24 -0.41 -2.78 10.57
CA LYS A 24 0.63 -3.30 11.48
C LYS A 24 1.27 -4.60 11.02
N ASP A 25 0.47 -5.60 10.76
CA ASP A 25 1.00 -6.93 10.57
C ASP A 25 1.46 -7.12 9.14
N PHE A 26 1.40 -6.04 8.39
CA PHE A 26 1.69 -6.13 6.97
C PHE A 26 3.16 -6.54 6.84
N ILE A 27 3.96 -6.34 7.89
CA ILE A 27 5.36 -6.76 7.83
C ILE A 27 5.51 -8.25 7.53
N THR A 28 4.73 -9.12 8.19
CA THR A 28 4.75 -10.58 7.92
C THR A 28 3.74 -11.03 6.86
N VAL A 29 2.65 -10.28 6.74
CA VAL A 29 1.58 -10.72 5.90
C VAL A 29 1.86 -10.40 4.44
N VAL A 30 2.52 -9.29 4.17
CA VAL A 30 2.72 -8.91 2.78
C VAL A 30 3.48 -10.00 1.95
N PRO A 31 4.58 -10.57 2.48
CA PRO A 31 5.23 -11.61 1.67
C PRO A 31 4.40 -12.88 1.52
N LYS A 32 3.50 -13.11 2.49
CA LYS A 32 2.67 -14.29 2.40
C LYS A 32 1.55 -14.09 1.38
N VAL A 33 1.03 -12.87 1.26
CA VAL A 33 -0.12 -12.68 0.32
C VAL A 33 0.34 -12.25 -1.07
N LEU A 34 1.55 -11.72 -1.18
CA LEU A 34 2.15 -11.33 -2.48
C LEU A 34 3.49 -12.06 -2.69
N PRO A 35 3.44 -13.39 -2.67
CA PRO A 35 4.73 -14.12 -2.65
C PRO A 35 5.43 -14.12 -4.01
N HIS A 36 4.70 -13.71 -5.04
CA HIS A 36 5.23 -13.62 -6.41
C HIS A 36 5.78 -12.22 -6.69
N ILE A 37 5.81 -11.36 -5.65
CA ILE A 37 6.30 -9.99 -5.80
C ILE A 37 7.29 -9.62 -4.70
N VAL A 38 6.88 -9.85 -3.47
CA VAL A 38 7.61 -9.37 -2.29
C VAL A 38 8.37 -10.48 -1.56
N LYS A 39 9.66 -10.23 -1.42
CA LYS A 39 10.51 -11.16 -0.70
C LYS A 39 10.43 -10.96 0.81
N ASP A 40 10.66 -9.72 1.28
CA ASP A 40 10.61 -9.43 2.71
C ASP A 40 10.36 -7.95 2.95
N VAL A 41 9.98 -7.65 4.18
CA VAL A 41 9.73 -6.32 4.64
C VAL A 41 10.44 -6.15 5.95
N GLN A 42 11.10 -5.02 6.14
CA GLN A 42 11.80 -4.74 7.38
C GLN A 42 11.62 -3.32 7.84
N LEU A 43 11.27 -3.15 9.12
N LEU A 43 11.27 -3.16 9.10
CA LEU A 43 11.25 -1.83 9.78
CA LEU A 43 11.22 -1.85 9.65
C LEU A 43 12.66 -1.32 10.06
C LEU A 43 12.68 -1.41 9.91
N ILE A 44 13.02 -0.20 9.48
CA ILE A 44 14.35 0.37 9.57
C ILE A 44 14.38 1.41 10.63
N GLU A 45 13.34 2.15 10.86
CA GLU A 45 13.31 3.23 11.82
C GLU A 45 11.88 3.27 12.35
N GLY A 46 11.70 3.56 13.63
CA GLY A 46 10.37 3.57 14.24
C GLY A 46 9.86 2.16 14.54
N ASP A 47 8.69 2.01 15.17
CA ASP A 47 8.14 0.70 15.52
C ASP A 47 6.82 0.33 14.91
N GLY A 48 6.33 1.24 14.10
CA GLY A 48 5.05 1.10 13.41
C GLY A 48 4.10 2.25 13.57
N GLY A 49 4.48 3.31 14.26
CA GLY A 49 3.69 4.52 14.27
C GLY A 49 4.13 5.49 13.20
N VAL A 50 3.55 6.69 13.21
CA VAL A 50 3.91 7.73 12.23
C VAL A 50 5.44 7.99 12.27
N GLY A 51 6.04 8.14 11.10
CA GLY A 51 7.49 8.37 11.02
C GLY A 51 8.24 7.07 10.75
N THR A 52 7.57 5.94 10.94
CA THR A 52 8.20 4.64 10.74
C THR A 52 8.61 4.51 9.29
N ILE A 53 9.83 4.09 9.03
CA ILE A 53 10.33 3.77 7.70
C ILE A 53 10.48 2.32 7.58
N LEU A 54 10.06 1.77 6.47
CA LEU A 54 10.19 0.36 6.10
C LEU A 54 10.81 0.17 4.74
N ILE A 55 11.53 -0.92 4.51
CA ILE A 55 11.99 -1.33 3.19
C ILE A 55 11.31 -2.62 2.76
N PHE A 56 10.69 -2.55 1.59
CA PHE A 56 10.21 -3.74 0.93
C PHE A 56 11.27 -4.17 -0.05
N ASN A 57 11.78 -5.40 0.09
CA ASN A 57 12.61 -5.98 -0.97
C ASN A 57 11.79 -6.94 -1.80
N PHE A 58 11.76 -6.68 -3.11
CA PHE A 58 11.05 -7.54 -4.04
C PHE A 58 11.89 -8.71 -4.53
N LEU A 59 11.26 -9.66 -5.23
CA LEU A 59 11.99 -10.81 -5.75
C LEU A 59 13.03 -10.28 -6.76
N PRO A 60 14.15 -11.01 -6.97
CA PRO A 60 15.14 -10.42 -7.90
C PRO A 60 14.63 -10.27 -9.32
N GLU A 61 13.62 -11.02 -9.71
N GLU A 61 13.57 -11.01 -9.64
CA GLU A 61 13.05 -10.76 -11.02
CA GLU A 61 12.88 -10.93 -10.95
C GLU A 61 12.78 -9.25 -11.13
C GLU A 61 12.03 -9.64 -11.14
N VAL A 62 12.05 -8.77 -10.12
CA VAL A 62 11.31 -7.50 -10.11
C VAL A 62 12.14 -6.23 -10.16
N SER A 63 11.65 -5.25 -10.92
CA SER A 63 12.39 -4.01 -11.08
C SER A 63 11.43 -2.81 -11.13
N PRO A 64 11.65 -1.78 -10.28
CA PRO A 64 12.69 -1.75 -9.26
C PRO A 64 12.49 -2.83 -8.20
N SER A 65 13.60 -3.13 -7.56
CA SER A 65 13.68 -4.29 -6.73
C SER A 65 13.31 -3.98 -5.30
N TYR A 66 12.95 -2.75 -4.99
CA TYR A 66 12.65 -2.38 -3.63
C TYR A 66 11.83 -1.10 -3.62
N GLN A 67 11.20 -0.82 -2.49
CA GLN A 67 10.72 0.51 -2.17
C GLN A 67 10.88 0.82 -0.72
N ARG A 68 11.21 2.05 -0.40
CA ARG A 68 11.34 2.53 0.97
C ARG A 68 10.03 3.30 1.26
N GLU A 69 9.35 2.97 2.33
CA GLU A 69 7.97 3.44 2.62
C GLU A 69 8.00 4.10 3.97
N GLU A 70 7.21 5.15 4.16
CA GLU A 70 7.05 5.84 5.42
C GLU A 70 5.60 5.88 5.83
N ILE A 71 5.32 5.54 7.07
CA ILE A 71 4.00 5.73 7.61
C ILE A 71 3.83 7.22 7.94
N THR A 72 2.96 7.86 7.18
CA THR A 72 2.75 9.29 7.32
C THR A 72 1.48 9.69 8.04
N GLU A 73 0.54 8.76 8.15
CA GLU A 73 -0.68 8.92 8.93
C GLU A 73 -1.04 7.59 9.62
N PHE A 74 -1.49 7.64 10.87
CA PHE A 74 -1.91 6.44 11.59
C PHE A 74 -2.99 6.88 12.55
N ASP A 75 -4.26 6.72 12.15
CA ASP A 75 -5.39 7.13 12.98
C ASP A 75 -6.22 5.91 13.34
N GLU A 76 -6.05 5.41 14.54
CA GLU A 76 -6.79 4.21 14.88
C GLU A 76 -8.28 4.52 15.10
N SER A 77 -8.63 5.72 15.58
CA SER A 77 -10.02 6.07 15.80
C SER A 77 -10.79 5.94 14.50
N SER A 78 -10.24 6.45 13.41
CA SER A 78 -10.93 6.45 12.12
C SER A 78 -10.48 5.36 11.14
N HIS A 79 -9.57 4.51 11.57
CA HIS A 79 -9.02 3.41 10.79
C HIS A 79 -8.45 3.86 9.45
N GLU A 80 -7.54 4.81 9.55
CA GLU A 80 -6.93 5.43 8.40
C GLU A 80 -5.43 5.36 8.55
N ILE A 81 -4.77 4.81 7.51
CA ILE A 81 -3.30 4.78 7.49
C ILE A 81 -2.81 5.28 6.15
N GLY A 82 -1.78 6.10 6.22
CA GLY A 82 -1.14 6.60 5.03
C GLY A 82 0.29 6.10 4.91
N LEU A 83 0.65 5.61 3.74
CA LEU A 83 1.92 5.01 3.48
C LEU A 83 2.52 5.72 2.24
N GLN A 84 3.65 6.41 2.40
CA GLN A 84 4.26 7.22 1.32
C GLN A 84 5.46 6.49 0.75
N VAL A 85 5.67 6.35 -0.53
CA VAL A 85 6.96 5.93 -1.12
C VAL A 85 7.92 7.08 -0.99
N ILE A 86 9.06 6.88 -0.33
CA ILE A 86 10.04 7.93 -0.23
C ILE A 86 11.27 7.62 -1.08
N GLU A 87 11.39 6.36 -1.53
CA GLU A 87 12.46 5.97 -2.44
C GLU A 87 12.10 4.70 -3.14
N GLY A 88 12.52 4.58 -4.39
CA GLY A 88 12.26 3.38 -5.15
C GLY A 88 10.78 3.22 -5.54
N GLY A 89 10.34 1.97 -5.77
CA GLY A 89 8.97 1.72 -6.21
C GLY A 89 8.58 2.67 -7.35
N TYR A 90 7.37 3.23 -7.28
CA TYR A 90 6.91 4.07 -8.42
C TYR A 90 7.75 5.30 -8.61
N LEU A 91 8.51 5.71 -7.59
CA LEU A 91 9.38 6.86 -7.73
C LEU A 91 10.53 6.53 -8.70
N SER A 92 10.78 5.23 -8.97
CA SER A 92 11.75 4.85 -9.98
C SER A 92 11.15 4.62 -11.32
N GLN A 93 9.87 5.00 -11.44
CA GLN A 93 9.12 4.73 -12.67
C GLN A 93 8.47 5.96 -13.22
N GLY A 94 8.94 7.13 -12.83
CA GLY A 94 8.46 8.37 -13.41
C GLY A 94 7.60 9.21 -12.53
N LEU A 95 7.17 8.66 -11.41
N LEU A 95 7.18 8.68 -11.40
CA LEU A 95 6.41 9.44 -10.43
CA LEU A 95 6.37 9.45 -10.47
C LEU A 95 7.36 10.29 -9.64
C LEU A 95 7.29 10.24 -9.55
N SER A 96 6.93 11.48 -9.28
CA SER A 96 7.73 12.36 -8.42
C SER A 96 7.20 12.35 -6.97
N TYR A 97 5.97 11.91 -6.76
CA TYR A 97 5.37 11.83 -5.44
C TYR A 97 4.39 10.62 -5.52
N TYR A 98 4.30 9.84 -4.44
CA TYR A 98 3.39 8.71 -4.39
C TYR A 98 3.00 8.35 -3.00
N LYS A 99 1.73 8.31 -2.66
CA LYS A 99 1.22 7.89 -1.36
C LYS A 99 -0.03 7.07 -1.50
N THR A 100 -0.30 6.16 -0.61
CA THR A 100 -1.45 5.30 -0.59
C THR A 100 -2.06 5.44 0.76
N THR A 101 -3.34 5.73 0.82
CA THR A 101 -4.01 5.87 2.09
C THR A 101 -5.23 5.01 2.08
N PHE A 102 -5.34 4.17 3.09
CA PHE A 102 -6.47 3.27 3.26
C PHE A 102 -7.32 3.79 4.43
N LYS A 103 -8.63 3.90 4.23
CA LYS A 103 -9.58 4.24 5.30
C LYS A 103 -10.64 3.14 5.32
N LEU A 104 -10.83 2.50 6.47
CA LEU A 104 -11.75 1.39 6.58
C LEU A 104 -12.97 1.82 7.32
N SER A 105 -14.09 1.22 6.94
CA SER A 105 -15.31 1.36 7.68
C SER A 105 -16.16 0.11 7.59
N GLU A 106 -16.97 -0.10 8.61
CA GLU A 106 -17.81 -1.32 8.68
C GLU A 106 -18.98 -1.23 7.70
N ILE A 107 -19.24 -2.32 6.98
CA ILE A 107 -20.52 -2.46 6.26
C ILE A 107 -21.37 -3.44 7.08
N GLU A 108 -20.84 -4.62 7.40
CA GLU A 108 -21.54 -5.55 8.25
C GLU A 108 -20.50 -6.15 9.16
N GLU A 109 -20.93 -7.07 10.03
CA GLU A 109 -20.04 -7.78 10.92
C GLU A 109 -18.84 -8.31 10.16
N ASP A 110 -19.07 -8.93 8.99
CA ASP A 110 -18.00 -9.52 8.19
C ASP A 110 -17.90 -8.95 6.78
N LYS A 111 -18.25 -7.68 6.59
CA LYS A 111 -17.98 -6.99 5.34
C LYS A 111 -17.45 -5.60 5.67
N THR A 112 -16.34 -5.27 5.01
CA THR A 112 -15.65 -4.01 5.32
C THR A 112 -15.41 -3.20 4.03
N LEU A 113 -15.66 -1.89 4.09
CA LEU A 113 -15.38 -0.97 2.99
C LEU A 113 -13.94 -0.46 3.13
N VAL A 114 -13.18 -0.50 2.05
CA VAL A 114 -11.87 0.09 2.00
C VAL A 114 -11.92 1.21 0.96
N ASN A 115 -11.72 2.41 1.45
CA ASN A 115 -11.50 3.60 0.60
C ASN A 115 -10.01 3.76 0.36
N VAL A 116 -9.59 3.80 -0.90
CA VAL A 116 -8.21 3.85 -1.27
C VAL A 116 -7.98 5.21 -1.92
N LYS A 117 -7.10 6.00 -1.35
CA LYS A 117 -6.69 7.28 -1.93
C LYS A 117 -5.28 7.21 -2.40
N ILE A 118 -5.01 7.47 -3.67
CA ILE A 118 -3.68 7.50 -4.22
C ILE A 118 -3.28 8.94 -4.50
N SER A 119 -2.30 9.48 -3.84
CA SER A 119 -1.81 10.80 -4.06
C SER A 119 -0.57 10.74 -4.87
N TYR A 120 -0.46 11.46 -5.99
CA TYR A 120 0.61 11.27 -6.93
C TYR A 120 0.94 12.54 -7.73
N ASP A 121 2.11 12.55 -8.31
CA ASP A 121 2.50 13.56 -9.35
C ASP A 121 3.56 12.93 -10.24
N HIS A 122 3.72 13.47 -11.44
N HIS A 122 3.71 13.36 -11.49
CA HIS A 122 4.64 12.97 -12.44
CA HIS A 122 4.67 12.80 -12.48
C HIS A 122 5.66 14.04 -12.74
C HIS A 122 5.53 13.89 -13.07
N ASP A 123 6.82 13.62 -13.21
CA ASP A 123 7.75 14.50 -13.89
C ASP A 123 7.61 14.23 -15.40
N SER A 124 7.18 15.24 -16.16
CA SER A 124 6.87 15.05 -17.58
C SER A 124 8.11 14.82 -18.45
N ASP A 125 9.32 15.00 -17.91
CA ASP A 125 10.52 14.85 -18.71
C ASP A 125 10.95 13.36 -18.74
N ILE A 126 10.31 12.55 -17.91
CA ILE A 126 10.55 11.10 -17.86
C ILE A 126 9.48 10.44 -18.71
N GLU A 127 9.88 9.65 -19.69
CA GLU A 127 8.96 9.16 -20.72
C GLU A 127 8.09 8.03 -20.26
N GLU A 128 8.54 7.27 -19.30
CA GLU A 128 7.72 6.20 -18.79
C GLU A 128 6.50 6.72 -18.09
N LYS A 129 5.34 6.17 -18.43
CA LYS A 129 4.09 6.68 -17.90
C LYS A 129 3.47 5.58 -17.06
N VAL A 130 3.07 5.93 -15.86
CA VAL A 130 2.40 4.99 -14.98
C VAL A 130 1.27 5.79 -14.42
N THR A 131 0.04 5.36 -14.65
CA THR A 131 -1.14 6.11 -14.27
C THR A 131 -1.68 5.66 -12.93
N PRO A 132 -2.45 6.53 -12.24
CA PRO A 132 -2.99 6.04 -10.97
C PRO A 132 -4.07 4.99 -11.23
N THR A 133 -4.70 4.96 -12.41
CA THR A 133 -5.55 3.81 -12.75
C THR A 133 -4.76 2.48 -12.63
N LYS A 134 -3.55 2.49 -13.11
CA LYS A 134 -2.82 1.26 -13.16
C LYS A 134 -2.34 0.93 -11.75
N THR A 135 -1.86 1.92 -11.03
CA THR A 135 -1.29 1.65 -9.70
C THR A 135 -2.46 1.30 -8.75
N SER A 136 -3.57 1.97 -8.87
CA SER A 136 -4.70 1.59 -8.07
C SER A 136 -5.10 0.13 -8.29
N GLN A 137 -5.02 -0.35 -9.51
CA GLN A 137 -5.38 -1.74 -9.80
C GLN A 137 -4.51 -2.72 -9.04
N SER A 138 -3.25 -2.36 -8.85
CA SER A 138 -2.31 -3.20 -8.15
C SER A 138 -2.69 -3.22 -6.71
N THR A 139 -3.07 -2.05 -6.18
CA THR A 139 -3.48 -2.03 -4.78
C THR A 139 -4.74 -2.83 -4.52
N LEU A 140 -5.72 -2.70 -5.42
CA LEU A 140 -6.93 -3.52 -5.30
C LEU A 140 -6.65 -5.03 -5.36
N MET A 141 -5.79 -5.46 -6.25
N MET A 141 -5.73 -5.42 -6.24
CA MET A 141 -5.40 -6.86 -6.37
CA MET A 141 -5.31 -6.82 -6.42
C MET A 141 -4.83 -7.31 -5.02
C MET A 141 -4.71 -7.35 -5.13
N TYR A 142 -3.94 -6.51 -4.45
CA TYR A 142 -3.41 -6.80 -3.12
C TYR A 142 -4.55 -6.94 -2.08
N LEU A 143 -5.53 -6.04 -2.11
CA LEU A 143 -6.62 -6.14 -1.16
C LEU A 143 -7.41 -7.42 -1.36
N ARG A 144 -7.61 -7.83 -2.59
CA ARG A 144 -8.41 -8.99 -2.85
C ARG A 144 -7.65 -10.23 -2.37
N ARG A 145 -6.36 -10.23 -2.59
CA ARG A 145 -5.55 -11.31 -2.01
C ARG A 145 -5.61 -11.36 -0.53
N LEU A 146 -5.57 -10.19 0.09
CA LEU A 146 -5.67 -10.13 1.56
C LEU A 146 -7.00 -10.72 1.97
N GLU A 147 -8.10 -10.35 1.32
CA GLU A 147 -9.42 -10.96 1.53
C GLU A 147 -9.43 -12.49 1.51
N ARG A 148 -8.71 -13.06 0.55
CA ARG A 148 -8.68 -14.51 0.41
C ARG A 148 -7.87 -15.07 1.57
N TYR A 149 -6.82 -14.37 1.94
CA TYR A 149 -5.97 -14.86 3.03
C TYR A 149 -6.72 -14.89 4.34
N LEU A 150 -7.51 -13.86 4.64
CA LEU A 150 -8.22 -13.73 5.91
C LEU A 150 -9.43 -14.65 5.96
N SER A 151 -9.90 -15.11 4.80
CA SER A 151 -11.13 -15.88 4.71
C SER A 151 -10.89 -17.38 4.52
N ASN A 152 -9.67 -17.84 4.79
CA ASN A 152 -9.41 -19.27 4.94
C ASN A 152 -8.96 -19.58 6.38
#